data_2BKV
#
_entry.id   2BKV
#
_cell.length_a   63.009
_cell.length_b   48.023
_cell.length_c   71.761
_cell.angle_alpha   90.00
_cell.angle_beta   91.04
_cell.angle_gamma   90.00
#
_symmetry.space_group_name_H-M   'P 1 21 1'
#
loop_
_entity.id
_entity.type
_entity.pdbx_description
1 polymer 'GLUCOSAMINE-6-PHOSPHATE DEAMINASE'
2 non-polymer '2-PHOSPHOGLYCOLIC ACID'
3 water water
#
_entity_poly.entity_id   1
_entity_poly.type   'polypeptide(L)'
_entity_poly.pdbx_seq_one_letter_code
;MKVMECQTYEELSQIAARITADTIKEKPDAVLGLATGGTPEGTYRQLIRLHQTENLSFQNITTVNLDEYAGLSSDDPNSY
HFYMNDRFFQHIDSKPSRHFIPNGNADDLEAECRRYEQLVDSLGDTDIQLLGIGRNGHIGFNEPGTSFKSRTHVVTLNEQ
TRQANARYFPSIDSVPKKALTMGIQTILSSKRILLLISGKSKAEAVRKLLEGNISEDFPASALHLHSDVTVLIDREAASL
RP
;
_entity_poly.pdbx_strand_id   A,B
#
loop_
_chem_comp.id
_chem_comp.type
_chem_comp.name
_chem_comp.formula
PGA non-polymer '2-PHOSPHOGLYCOLIC ACID' 'C2 H5 O6 P'
#
# COMPACT_ATOMS: atom_id res chain seq x y z
N MET A 1 31.99 4.00 18.31
CA MET A 1 30.76 3.34 17.78
C MET A 1 30.52 2.09 18.61
N LYS A 2 29.34 2.00 19.22
CA LYS A 2 28.96 0.87 20.06
C LYS A 2 28.15 -0.08 19.22
N VAL A 3 28.66 -1.29 19.03
CA VAL A 3 27.97 -2.32 18.27
C VAL A 3 27.31 -3.33 19.21
N MET A 4 26.02 -3.58 19.01
CA MET A 4 25.33 -4.57 19.79
C MET A 4 24.76 -5.63 18.84
N GLU A 5 25.18 -6.84 19.04
CA GLU A 5 24.67 -7.97 18.28
C GLU A 5 23.38 -8.45 18.94
N CYS A 6 22.31 -8.54 18.16
CA CYS A 6 20.99 -8.97 18.61
C CYS A 6 20.70 -10.37 18.09
N GLN A 7 20.07 -11.19 18.91
CA GLN A 7 19.82 -12.56 18.52
C GLN A 7 18.82 -12.70 17.39
N THR A 8 17.86 -11.80 17.34
CA THR A 8 16.80 -11.82 16.37
C THR A 8 16.36 -10.38 15.98
N TYR A 9 15.66 -10.28 14.87
CA TYR A 9 15.03 -9.04 14.46
C TYR A 9 14.09 -8.52 15.53
N GLU A 10 13.39 -9.43 16.22
CA GLU A 10 12.43 -9.00 17.29
C GLU A 10 13.19 -8.34 18.44
N GLU A 11 14.34 -8.89 18.78
CA GLU A 11 15.18 -8.30 19.83
C GLU A 11 15.75 -6.95 19.41
N LEU A 12 16.25 -6.85 18.20
CA LEU A 12 16.68 -5.59 17.64
C LEU A 12 15.58 -4.53 17.80
N SER A 13 14.36 -4.91 17.44
CA SER A 13 13.28 -3.99 17.41
C SER A 13 12.89 -3.54 18.81
N GLN A 14 12.94 -4.47 19.76
CA GLN A 14 12.67 -4.12 21.15
C GLN A 14 13.73 -3.17 21.72
N ILE A 15 15.00 -3.45 21.43
CA ILE A 15 16.07 -2.60 21.89
C ILE A 15 15.98 -1.23 21.27
N ALA A 16 15.71 -1.16 19.98
CA ALA A 16 15.60 0.13 19.33
C ALA A 16 14.44 0.95 19.88
N ALA A 17 13.31 0.30 20.08
CA ALA A 17 12.17 1.01 20.64
C ALA A 17 12.48 1.57 22.04
N ARG A 18 13.19 0.79 22.83
CA ARG A 18 13.55 1.23 24.18
C ARG A 18 14.48 2.42 24.14
N ILE A 19 15.48 2.43 23.27
CA ILE A 19 16.39 3.59 23.13
C ILE A 19 15.61 4.81 22.66
N THR A 20 14.70 4.61 21.71
CA THR A 20 13.88 5.74 21.24
C THR A 20 12.99 6.28 22.39
N ALA A 21 12.33 5.39 23.13
CA ALA A 21 11.53 5.80 24.28
C ALA A 21 12.36 6.55 25.31
N ASP A 22 13.59 6.12 25.53
CA ASP A 22 14.50 6.81 26.45
C ASP A 22 14.63 8.27 25.99
N THR A 23 14.80 8.45 24.70
CA THR A 23 15.01 9.79 24.15
C THR A 23 13.74 10.68 24.38
N ILE A 24 12.59 10.08 24.13
CA ILE A 24 11.32 10.77 24.30
C ILE A 24 11.09 11.17 25.74
N LYS A 25 11.49 10.34 26.70
CA LYS A 25 11.23 10.59 28.11
C LYS A 25 12.34 11.38 28.82
N GLU A 26 13.51 11.46 28.21
CA GLU A 26 14.64 12.14 28.84
C GLU A 26 14.42 13.62 28.98
N LYS A 27 13.62 14.19 28.09
CA LYS A 27 13.37 15.65 28.11
C LYS A 27 11.93 15.93 27.68
N PRO A 28 11.35 17.00 28.24
CA PRO A 28 9.99 17.32 27.88
C PRO A 28 9.64 17.23 26.38
N ASP A 29 10.52 17.71 25.49
CA ASP A 29 10.20 18.01 24.06
C ASP A 29 11.23 17.56 23.00
N ALA A 30 11.42 16.26 22.90
CA ALA A 30 12.47 15.76 22.07
C ALA A 30 12.17 15.92 20.59
N VAL A 31 13.21 15.93 19.78
CA VAL A 31 13.12 15.95 18.34
C VAL A 31 13.72 14.62 17.87
N LEU A 32 12.91 13.80 17.21
CA LEU A 32 13.31 12.49 16.73
C LEU A 32 13.49 12.53 15.23
N GLY A 33 14.63 12.04 14.77
CA GLY A 33 14.89 11.83 13.36
C GLY A 33 14.52 10.39 13.04
N LEU A 34 13.65 10.20 12.04
CA LEU A 34 13.10 8.91 11.75
C LEU A 34 13.40 8.46 10.33
N ALA A 35 13.16 7.18 10.10
CA ALA A 35 13.50 6.51 8.82
C ALA A 35 12.41 5.53 8.41
N THR A 36 12.43 5.15 7.14
CA THR A 36 11.41 4.22 6.63
C THR A 36 12.10 2.96 6.12
N GLY A 37 11.38 2.17 5.34
CA GLY A 37 11.87 0.92 4.82
C GLY A 37 11.49 -0.27 5.72
N GLY A 38 11.97 -1.45 5.37
CA GLY A 38 11.68 -2.65 6.10
C GLY A 38 12.30 -2.68 7.49
N THR A 39 13.52 -2.15 7.59
CA THR A 39 14.28 -2.36 8.80
C THR A 39 13.61 -1.82 10.06
N PRO A 40 13.11 -0.56 10.05
CA PRO A 40 12.49 -0.07 11.28
C PRO A 40 11.05 -0.49 11.54
N GLU A 41 10.49 -1.37 10.72
CA GLU A 41 9.07 -1.67 10.89
C GLU A 41 8.77 -2.23 12.28
N GLY A 42 9.60 -3.15 12.76
CA GLY A 42 9.41 -3.71 14.07
C GLY A 42 9.56 -2.69 15.17
N THR A 43 10.47 -1.73 15.00
CA THR A 43 10.68 -0.69 15.98
C THR A 43 9.43 0.15 16.13
N TYR A 44 8.78 0.50 15.01
CA TYR A 44 7.54 1.26 15.12
C TYR A 44 6.44 0.45 15.83
N ARG A 45 6.33 -0.83 15.50
CA ARG A 45 5.37 -1.69 16.17
C ARG A 45 5.60 -1.75 17.68
N GLN A 46 6.86 -1.86 18.06
CA GLN A 46 7.15 -1.94 19.47
C GLN A 46 6.98 -0.61 20.23
N LEU A 47 7.22 0.49 19.55
CA LEU A 47 6.98 1.81 20.09
C LEU A 47 5.51 2.01 20.35
N ILE A 48 4.67 1.61 19.40
CA ILE A 48 3.23 1.65 19.59
C ILE A 48 2.82 0.75 20.73
N ARG A 49 3.42 -0.42 20.88
CA ARG A 49 3.08 -1.27 22.03
C ARG A 49 3.40 -0.58 23.34
N LEU A 50 4.53 0.14 23.42
CA LEU A 50 4.91 0.86 24.66
C LEU A 50 3.93 1.95 25.01
N HIS A 51 3.33 2.54 23.99
CA HIS A 51 2.28 3.52 24.20
C HIS A 51 1.12 2.89 24.99
N GLN A 52 0.85 1.62 24.74
CA GLN A 52 -0.21 0.87 25.38
C GLN A 52 0.28 0.26 26.73
N THR A 53 1.42 -0.39 26.74
CA THR A 53 1.85 -1.19 27.89
C THR A 53 2.65 -0.42 28.94
N GLU A 54 3.31 0.66 28.55
CA GLU A 54 4.07 1.47 29.50
C GLU A 54 3.56 2.88 29.53
N ASN A 55 2.36 3.09 29.02
CA ASN A 55 1.74 4.39 29.04
C ASN A 55 2.71 5.48 28.45
N LEU A 56 3.45 5.14 27.40
CA LEU A 56 4.39 6.09 26.78
C LEU A 56 3.65 7.16 26.02
N SER A 57 3.88 8.42 26.38
CA SER A 57 3.21 9.53 25.71
C SER A 57 4.13 10.17 24.68
N PHE A 58 3.57 10.45 23.52
CA PHE A 58 4.25 11.19 22.46
C PHE A 58 3.70 12.61 22.35
N GLN A 59 3.03 13.11 23.37
CA GLN A 59 2.28 14.37 23.26
C GLN A 59 3.16 15.52 22.83
N ASN A 60 4.41 15.53 23.29
CA ASN A 60 5.27 16.68 23.10
C ASN A 60 6.38 16.52 22.08
N ILE A 61 6.40 15.41 21.38
CA ILE A 61 7.50 15.15 20.46
C ILE A 61 7.38 15.94 19.13
N THR A 62 8.53 16.16 18.50
CA THR A 62 8.64 16.64 17.15
C THR A 62 9.41 15.57 16.37
N THR A 63 9.06 15.37 15.11
CA THR A 63 9.84 14.43 14.28
C THR A 63 10.25 15.06 12.97
N VAL A 64 11.39 14.57 12.48
CA VAL A 64 11.90 14.88 11.19
C VAL A 64 12.26 13.58 10.46
N ASN A 65 11.80 13.44 9.24
CA ASN A 65 12.19 12.30 8.43
C ASN A 65 13.39 12.54 7.52
N LEU A 66 14.10 11.47 7.23
CA LEU A 66 15.31 11.47 6.36
C LEU A 66 15.02 11.92 4.95
N ASP A 67 13.92 11.45 4.37
CA ASP A 67 13.78 11.53 2.94
C ASP A 67 12.36 11.33 2.44
N GLU A 68 12.19 11.62 1.17
CA GLU A 68 10.92 11.41 0.48
C GLU A 68 11.22 11.27 -1.01
N TYR A 69 10.40 10.49 -1.71
CA TYR A 69 10.56 10.38 -3.18
C TYR A 69 10.09 11.64 -3.89
N ALA A 70 10.76 12.00 -4.97
CA ALA A 70 10.40 13.20 -5.72
C ALA A 70 9.20 12.84 -6.60
N GLY A 71 8.19 13.69 -6.52
CA GLY A 71 7.03 13.62 -7.39
C GLY A 71 5.88 12.81 -6.85
N LEU A 72 6.00 12.33 -5.61
CA LEU A 72 4.91 11.60 -4.98
C LEU A 72 4.21 12.50 -3.99
N SER A 73 2.89 12.49 -4.06
CA SER A 73 2.05 13.26 -3.16
C SER A 73 1.92 12.48 -1.87
N SER A 74 1.47 13.14 -0.81
CA SER A 74 1.39 12.51 0.50
C SER A 74 0.37 11.39 0.56
N ASP A 75 -0.57 11.38 -0.39
CA ASP A 75 -1.63 10.34 -0.41
C ASP A 75 -1.27 9.18 -1.31
N ASP A 76 -0.10 9.23 -1.91
CA ASP A 76 0.39 8.10 -2.70
C ASP A 76 0.83 7.02 -1.72
N PRO A 77 0.36 5.77 -1.94
CA PRO A 77 0.71 4.73 -1.00
C PRO A 77 2.20 4.39 -0.92
N ASN A 78 3.01 4.83 -1.88
CA ASN A 78 4.46 4.61 -1.81
C ASN A 78 5.24 5.77 -1.31
N SER A 79 4.57 6.84 -0.94
CA SER A 79 5.24 7.98 -0.38
C SER A 79 5.66 7.67 1.04
N TYR A 80 6.72 8.33 1.48
CA TYR A 80 7.15 8.14 2.83
C TYR A 80 6.26 8.88 3.84
N HIS A 81 5.54 9.92 3.42
CA HIS A 81 4.47 10.54 4.24
C HIS A 81 3.46 9.42 4.58
N PHE A 82 3.00 8.70 3.58
CA PHE A 82 2.02 7.63 3.77
C PHE A 82 2.56 6.57 4.72
N TYR A 83 3.79 6.14 4.48
CA TYR A 83 4.44 5.14 5.36
C TYR A 83 4.37 5.62 6.79
N MET A 84 4.83 6.83 7.06
CA MET A 84 4.96 7.31 8.44
C MET A 84 3.62 7.41 9.12
N ASN A 85 2.62 7.88 8.38
CA ASN A 85 1.33 7.95 8.94
C ASN A 85 0.75 6.60 9.26
N ASP A 86 0.95 5.64 8.38
CA ASP A 86 0.36 4.32 8.52
C ASP A 86 1.02 3.54 9.61
N ARG A 87 2.35 3.55 9.60
CA ARG A 87 3.11 2.74 10.56
C ARG A 87 3.19 3.36 11.96
N PHE A 88 3.04 4.68 12.07
CA PHE A 88 3.39 5.38 13.31
C PHE A 88 2.40 6.47 13.74
N PHE A 89 2.27 7.52 12.95
CA PHE A 89 1.58 8.71 13.43
C PHE A 89 0.14 8.43 13.79
N GLN A 90 -0.55 7.59 13.00
CA GLN A 90 -1.97 7.30 13.28
C GLN A 90 -2.23 6.61 14.60
N HIS A 91 -1.19 6.01 15.17
CA HIS A 91 -1.34 5.14 16.30
C HIS A 91 -0.93 5.81 17.62
N ILE A 92 -0.45 7.05 17.57
CA ILE A 92 0.14 7.72 18.77
C ILE A 92 -0.56 9.05 19.02
N ASP A 93 -0.29 9.65 20.18
CA ASP A 93 -0.88 10.89 20.67
C ASP A 93 -0.03 12.15 20.49
N SER A 94 0.70 12.22 19.39
CA SER A 94 1.47 13.40 19.06
C SER A 94 0.58 14.50 18.46
N LYS A 95 1.17 15.67 18.26
CA LYS A 95 0.56 16.77 17.53
C LYS A 95 0.99 16.63 16.07
N PRO A 96 0.02 16.36 15.15
CA PRO A 96 0.34 16.12 13.76
C PRO A 96 1.12 17.21 13.11
N SER A 97 0.98 18.47 13.56
CA SER A 97 1.71 19.57 12.95
C SER A 97 3.20 19.56 13.23
N ARG A 98 3.65 18.72 14.17
CA ARG A 98 5.07 18.63 14.54
C ARG A 98 5.75 17.42 13.91
N HIS A 99 5.11 16.78 12.94
CA HIS A 99 5.76 15.77 12.13
C HIS A 99 6.16 16.37 10.78
N PHE A 100 7.45 16.38 10.50
CA PHE A 100 8.03 17.01 9.30
C PHE A 100 8.66 16.00 8.38
N ILE A 101 8.32 16.11 7.10
CA ILE A 101 8.88 15.25 6.09
C ILE A 101 9.07 16.09 4.84
N PRO A 102 10.16 15.86 4.05
CA PRO A 102 10.32 16.70 2.84
C PRO A 102 9.14 16.56 1.89
N ASN A 103 8.74 17.67 1.27
CA ASN A 103 7.59 17.65 0.38
C ASN A 103 8.00 17.28 -1.04
N GLY A 104 7.81 16.01 -1.36
CA GLY A 104 8.15 15.49 -2.68
C GLY A 104 7.33 16.09 -3.80
N ASN A 105 6.21 16.72 -3.45
CA ASN A 105 5.33 17.37 -4.42
C ASN A 105 5.33 18.92 -4.35
N ALA A 106 6.44 19.47 -3.84
CA ALA A 106 6.72 20.89 -3.96
C ALA A 106 6.94 21.24 -5.42
N ASP A 107 6.60 22.47 -5.82
CA ASP A 107 6.85 22.94 -7.18
C ASP A 107 8.34 23.03 -7.53
N ASP A 108 9.14 23.49 -6.57
CA ASP A 108 10.58 23.71 -6.75
C ASP A 108 11.35 22.83 -5.77
N LEU A 109 11.87 21.71 -6.23
CA LEU A 109 12.47 20.72 -5.31
C LEU A 109 13.74 21.23 -4.65
N GLU A 110 14.58 21.94 -5.39
CA GLU A 110 15.77 22.55 -4.79
C GLU A 110 15.45 23.54 -3.64
N ALA A 111 14.45 24.38 -3.87
CA ALA A 111 13.96 25.29 -2.84
C ALA A 111 13.36 24.54 -1.67
N GLU A 112 12.64 23.45 -1.93
CA GLU A 112 12.08 22.68 -0.83
C GLU A 112 13.20 22.13 0.04
N CYS A 113 14.26 21.65 -0.58
CA CYS A 113 15.39 21.09 0.18
C CYS A 113 16.03 22.18 1.04
N ARG A 114 16.19 23.39 0.50
CA ARG A 114 16.76 24.48 1.29
C ARG A 114 15.84 24.80 2.49
N ARG A 115 14.55 24.89 2.24
CA ARG A 115 13.63 25.16 3.33
C ARG A 115 13.61 24.05 4.36
N TYR A 116 13.77 22.79 3.93
CA TYR A 116 13.78 21.69 4.89
C TYR A 116 15.05 21.73 5.73
N GLU A 117 16.18 22.02 5.12
CA GLU A 117 17.41 22.14 5.87
C GLU A 117 17.27 23.25 6.93
N GLN A 118 16.67 24.36 6.54
CA GLN A 118 16.48 25.49 7.44
C GLN A 118 15.53 25.13 8.59
N LEU A 119 14.51 24.34 8.29
CA LEU A 119 13.58 23.87 9.30
C LEU A 119 14.31 22.98 10.33
N VAL A 120 15.06 22.03 9.84
CA VAL A 120 15.78 21.17 10.77
C VAL A 120 16.73 21.98 11.66
N ASP A 121 17.44 22.93 11.09
CA ASP A 121 18.31 23.77 11.90
C ASP A 121 17.51 24.52 12.97
N SER A 122 16.36 25.05 12.59
CA SER A 122 15.52 25.82 13.49
C SER A 122 14.96 25.00 14.63
N LEU A 123 14.84 23.69 14.46
CA LEU A 123 14.40 22.83 15.58
C LEU A 123 15.48 22.59 16.63
N GLY A 124 16.71 22.99 16.34
CA GLY A 124 17.86 22.63 17.17
C GLY A 124 18.44 21.27 16.86
N ASP A 125 18.20 20.79 15.63
CA ASP A 125 18.69 19.49 15.17
C ASP A 125 17.98 18.38 15.96
N THR A 126 18.38 17.13 15.72
CA THR A 126 17.70 16.02 16.37
C THR A 126 18.39 15.51 17.66
N ASP A 127 17.60 15.00 18.61
CA ASP A 127 18.09 14.33 19.77
C ASP A 127 18.55 12.90 19.48
N ILE A 128 17.90 12.27 18.52
CA ILE A 128 18.31 10.98 18.01
C ILE A 128 17.93 10.89 16.56
N GLN A 129 18.74 10.17 15.79
CA GLN A 129 18.41 9.92 14.39
C GLN A 129 18.48 8.41 14.16
N LEU A 130 17.35 7.81 13.83
CA LEU A 130 17.29 6.41 13.38
C LEU A 130 17.73 6.35 11.93
N LEU A 131 18.55 5.36 11.62
CA LEU A 131 19.04 5.16 10.26
C LEU A 131 18.97 3.69 9.90
N GLY A 132 18.88 3.43 8.59
CA GLY A 132 19.19 2.13 8.00
C GLY A 132 20.43 2.25 7.13
N ILE A 133 20.85 1.16 6.52
CA ILE A 133 22.01 1.15 5.68
C ILE A 133 21.64 0.43 4.39
N GLY A 134 22.05 0.99 3.28
CA GLY A 134 21.91 0.29 2.02
C GLY A 134 22.88 -0.86 1.86
N ARG A 135 22.57 -1.75 0.92
CA ARG A 135 23.53 -2.77 0.53
C ARG A 135 24.88 -2.18 0.13
N ASN A 136 24.86 -0.99 -0.48
CA ASN A 136 26.04 -0.27 -0.93
C ASN A 136 26.60 0.73 0.10
N GLY A 137 26.07 0.70 1.32
CA GLY A 137 26.53 1.64 2.37
C GLY A 137 25.80 2.96 2.40
N HIS A 138 24.77 3.16 1.57
CA HIS A 138 24.07 4.45 1.62
C HIS A 138 23.38 4.64 2.95
N ILE A 139 23.21 5.90 3.31
CA ILE A 139 22.47 6.32 4.47
C ILE A 139 21.56 7.47 4.01
N GLY A 140 20.32 7.49 4.49
CA GLY A 140 19.28 8.26 3.74
C GLY A 140 19.27 7.79 2.28
N PHE A 141 19.23 8.70 1.31
CA PHE A 141 19.53 8.32 -0.10
C PHE A 141 20.85 8.98 -0.54
N ASN A 142 21.75 9.10 0.40
CA ASN A 142 23.08 9.54 0.16
C ASN A 142 23.90 8.37 -0.39
N GLU A 143 24.04 8.32 -1.72
CA GLU A 143 24.69 7.22 -2.41
C GLU A 143 26.21 7.37 -2.39
N PRO A 144 26.96 6.31 -2.72
CA PRO A 144 28.40 6.41 -2.89
C PRO A 144 28.80 7.61 -3.78
N GLY A 145 29.81 8.36 -3.32
CA GLY A 145 30.25 9.58 -3.96
C GLY A 145 29.67 10.86 -3.39
N THR A 146 28.86 10.75 -2.34
CA THR A 146 28.28 11.94 -1.70
C THR A 146 29.27 12.58 -0.74
N SER A 147 29.38 13.90 -0.76
CA SER A 147 30.24 14.57 0.16
C SER A 147 29.76 14.39 1.59
N PHE A 148 30.70 14.21 2.50
CA PHE A 148 30.39 14.17 3.92
C PHE A 148 29.88 15.52 4.49
N LYS A 149 30.04 16.59 3.71
CA LYS A 149 29.51 17.91 4.06
C LYS A 149 28.14 18.17 3.49
N SER A 150 27.57 17.19 2.82
CA SER A 150 26.30 17.39 2.10
C SER A 150 25.19 17.78 3.08
N ARG A 151 24.26 18.59 2.57
CA ARG A 151 23.09 19.03 3.29
C ARG A 151 21.88 18.48 2.52
N THR A 152 20.68 18.86 2.92
CA THR A 152 19.49 18.28 2.28
C THR A 152 19.54 18.62 0.77
N HIS A 153 19.28 17.62 -0.07
CA HIS A 153 19.47 17.75 -1.49
C HIS A 153 18.64 16.77 -2.32
N VAL A 154 18.49 17.10 -3.60
CA VAL A 154 17.81 16.25 -4.55
C VAL A 154 18.86 15.33 -5.11
N VAL A 155 18.51 14.07 -5.16
CA VAL A 155 19.39 13.03 -5.65
C VAL A 155 18.73 12.17 -6.72
N THR A 156 19.56 11.58 -7.58
CA THR A 156 19.13 10.56 -8.51
C THR A 156 19.52 9.25 -7.91
N LEU A 157 18.53 8.37 -7.72
CA LEU A 157 18.71 7.08 -7.08
C LEU A 157 19.60 6.16 -7.91
N ASN A 158 20.49 5.40 -7.26
CA ASN A 158 21.29 4.39 -7.95
C ASN A 158 20.38 3.24 -8.34
N GLU A 159 20.79 2.51 -9.38
CA GLU A 159 20.02 1.37 -9.85
C GLU A 159 19.85 0.30 -8.77
N GLN A 160 20.89 0.05 -7.99
CA GLN A 160 20.78 -0.91 -6.88
C GLN A 160 19.68 -0.51 -5.89
N THR A 161 19.52 0.79 -5.66
CA THR A 161 18.48 1.26 -4.74
C THR A 161 17.06 1.08 -5.29
N ARG A 162 16.86 1.44 -6.55
CA ARG A 162 15.59 1.21 -7.20
C ARG A 162 15.29 -0.29 -7.26
N GLN A 163 16.32 -1.11 -7.56
CA GLN A 163 16.18 -2.60 -7.56
C GLN A 163 15.70 -3.13 -6.18
N ALA A 164 16.27 -2.61 -5.11
CA ALA A 164 15.98 -3.08 -3.77
C ALA A 164 14.59 -2.67 -3.36
N ASN A 165 14.17 -1.47 -3.72
CA ASN A 165 12.89 -0.92 -3.29
C ASN A 165 11.71 -1.28 -4.18
N ALA A 166 11.98 -1.89 -5.32
CA ALA A 166 10.90 -2.30 -6.23
C ALA A 166 9.88 -3.23 -5.57
N ARG A 167 10.33 -4.00 -4.56
CA ARG A 167 9.46 -4.89 -3.79
C ARG A 167 8.26 -4.20 -3.16
N TYR A 168 8.31 -2.88 -3.01
CA TYR A 168 7.20 -2.15 -2.43
C TYR A 168 6.29 -1.53 -3.47
N PHE A 169 6.66 -1.62 -4.75
CA PHE A 169 5.93 -1.02 -5.84
C PHE A 169 5.23 -2.02 -6.73
N PRO A 170 4.23 -1.57 -7.50
CA PRO A 170 3.59 -2.50 -8.45
C PRO A 170 4.57 -3.13 -9.44
N SER A 171 5.53 -2.34 -9.87
CA SER A 171 6.65 -2.83 -10.66
C SER A 171 7.78 -1.84 -10.62
N ILE A 172 8.94 -2.24 -11.16
CA ILE A 172 10.12 -1.36 -11.24
C ILE A 172 9.82 -0.06 -11.98
N ASP A 173 8.92 -0.11 -12.93
CA ASP A 173 8.60 1.03 -13.77
C ASP A 173 7.87 2.12 -12.97
N SER A 174 7.39 1.78 -11.78
CA SER A 174 6.72 2.73 -10.91
C SER A 174 7.67 3.34 -9.89
N VAL A 175 8.89 2.82 -9.76
CA VAL A 175 9.79 3.37 -8.73
C VAL A 175 10.31 4.74 -9.19
N PRO A 176 10.17 5.78 -8.36
CA PRO A 176 10.68 7.07 -8.82
C PRO A 176 12.18 7.05 -9.13
N LYS A 177 12.62 8.04 -9.89
CA LYS A 177 14.02 8.13 -10.28
C LYS A 177 14.80 9.01 -9.32
N LYS A 178 14.11 9.92 -8.62
CA LYS A 178 14.75 10.94 -7.80
C LYS A 178 14.13 10.98 -6.43
N ALA A 179 14.87 11.55 -5.49
CA ALA A 179 14.41 11.69 -4.12
C ALA A 179 15.00 12.91 -3.48
N LEU A 180 14.38 13.32 -2.40
CA LEU A 180 14.94 14.38 -1.54
C LEU A 180 15.44 13.76 -0.26
N THR A 181 16.65 14.09 0.18
CA THR A 181 17.22 13.45 1.37
C THR A 181 17.99 14.44 2.20
N MET A 182 17.89 14.28 3.52
CA MET A 182 18.85 14.89 4.42
C MET A 182 20.24 14.50 3.98
N GLY A 183 21.19 15.43 4.06
CA GLY A 183 22.56 15.09 3.74
C GLY A 183 23.32 14.46 4.87
N ILE A 184 24.55 14.08 4.58
CA ILE A 184 25.39 13.44 5.55
C ILE A 184 25.68 14.38 6.71
N GLN A 185 25.94 15.65 6.43
CA GLN A 185 26.22 16.61 7.49
C GLN A 185 24.97 16.83 8.33
N THR A 186 23.82 16.85 7.68
CA THR A 186 22.52 16.95 8.37
C THR A 186 22.37 15.81 9.39
N ILE A 187 22.64 14.61 8.96
CA ILE A 187 22.56 13.42 9.82
C ILE A 187 23.60 13.48 10.95
N LEU A 188 24.84 13.86 10.65
CA LEU A 188 25.89 13.95 11.67
C LEU A 188 25.64 15.00 12.73
N SER A 189 24.75 15.96 12.46
CA SER A 189 24.44 16.98 13.44
C SER A 189 23.56 16.48 14.57
N SER A 190 22.99 15.29 14.43
CA SER A 190 22.19 14.71 15.50
C SER A 190 23.02 14.49 16.75
N LYS A 191 22.38 14.56 17.92
CA LYS A 191 23.06 14.28 19.16
C LYS A 191 23.42 12.82 19.31
N ARG A 192 22.62 11.93 18.72
CA ARG A 192 22.78 10.48 18.90
C ARG A 192 22.29 9.81 17.65
N ILE A 193 23.01 8.79 17.19
CA ILE A 193 22.61 8.04 16.02
C ILE A 193 22.38 6.58 16.39
N LEU A 194 21.27 6.04 15.88
CA LEU A 194 20.93 4.65 16.05
C LEU A 194 20.76 4.01 14.67
N LEU A 195 21.71 3.15 14.33
CA LEU A 195 21.78 2.51 13.04
C LEU A 195 21.28 1.10 13.22
N LEU A 196 20.22 0.75 12.50
CA LEU A 196 19.63 -0.57 12.57
C LEU A 196 19.96 -1.38 11.33
N ILE A 197 20.38 -2.62 11.49
CA ILE A 197 20.77 -3.44 10.35
C ILE A 197 20.32 -4.87 10.55
N SER A 198 19.57 -5.35 9.57
CA SER A 198 18.95 -6.67 9.62
C SER A 198 19.04 -7.41 8.29
N GLY A 199 19.28 -8.69 8.36
CA GLY A 199 19.20 -9.54 7.18
C GLY A 199 20.51 -9.79 6.47
N LYS A 200 20.58 -10.95 5.83
CA LYS A 200 21.80 -11.37 5.18
C LYS A 200 22.21 -10.44 4.03
N SER A 201 21.23 -9.80 3.40
CA SER A 201 21.52 -8.81 2.34
C SER A 201 22.48 -7.69 2.78
N LYS A 202 22.52 -7.38 4.07
CA LYS A 202 23.36 -6.30 4.58
C LYS A 202 24.67 -6.81 5.16
N ALA A 203 24.94 -8.11 5.01
CA ALA A 203 26.08 -8.69 5.66
C ALA A 203 27.39 -8.13 5.08
N GLU A 204 27.42 -7.90 3.78
CA GLU A 204 28.59 -7.27 3.15
C GLU A 204 28.80 -5.81 3.69
N ALA A 205 27.73 -5.05 3.84
CA ALA A 205 27.86 -3.68 4.36
C ALA A 205 28.36 -3.62 5.82
N VAL A 206 27.84 -4.52 6.64
CA VAL A 206 28.29 -4.62 8.02
C VAL A 206 29.81 -4.89 8.11
N ARG A 207 30.29 -5.84 7.32
CA ARG A 207 31.72 -6.14 7.22
C ARG A 207 32.51 -4.84 6.95
N LYS A 208 32.17 -4.15 5.88
CA LYS A 208 32.84 -2.91 5.52
C LYS A 208 32.76 -1.83 6.61
N LEU A 209 31.58 -1.67 7.21
CA LEU A 209 31.44 -0.66 8.22
C LEU A 209 32.35 -0.91 9.39
N LEU A 210 32.36 -2.14 9.88
CA LEU A 210 33.13 -2.43 11.10
C LEU A 210 34.66 -2.42 10.94
N GLU A 211 35.11 -2.67 9.73
CA GLU A 211 36.52 -2.56 9.39
C GLU A 211 37.09 -1.13 9.56
N GLY A 212 36.25 -0.13 9.34
CA GLY A 212 36.59 1.22 9.70
C GLY A 212 37.22 2.10 8.65
N ASN A 213 37.37 1.61 7.41
CA ASN A 213 37.91 2.50 6.36
C ASN A 213 36.92 3.58 5.99
N ILE A 214 37.44 4.78 5.77
CA ILE A 214 36.59 5.93 5.59
C ILE A 214 36.80 6.39 4.15
N SER A 215 35.69 6.50 3.42
CA SER A 215 35.68 7.00 2.06
C SER A 215 34.26 7.34 1.66
N GLU A 216 34.15 8.29 0.74
CA GLU A 216 32.86 8.65 0.17
C GLU A 216 32.28 7.52 -0.63
N ASP A 217 33.07 6.53 -1.02
CA ASP A 217 32.53 5.39 -1.75
C ASP A 217 31.63 4.49 -0.88
N PHE A 218 31.72 4.65 0.45
CA PHE A 218 30.86 3.95 1.42
C PHE A 218 30.27 4.98 2.44
N PRO A 219 29.11 5.59 2.12
CA PRO A 219 28.56 6.72 2.89
C PRO A 219 28.47 6.49 4.39
N ALA A 220 28.10 5.28 4.79
CA ALA A 220 27.92 4.96 6.20
C ALA A 220 29.24 5.13 6.98
N SER A 221 30.39 5.13 6.31
CA SER A 221 31.67 5.32 6.99
C SER A 221 31.79 6.71 7.60
N ALA A 222 30.94 7.64 7.16
CA ALA A 222 30.89 8.95 7.82
C ALA A 222 30.54 8.83 9.32
N LEU A 223 29.89 7.74 9.71
CA LEU A 223 29.45 7.58 11.09
C LEU A 223 30.62 7.38 12.05
N HIS A 224 31.77 7.02 11.52
CA HIS A 224 32.99 6.91 12.34
C HIS A 224 33.43 8.29 12.88
N LEU A 225 32.88 9.38 12.34
CA LEU A 225 33.21 10.72 12.76
C LEU A 225 32.28 11.20 13.85
N HIS A 226 31.30 10.41 14.24
CA HIS A 226 30.31 10.87 15.21
C HIS A 226 30.63 10.34 16.62
N SER A 227 30.29 11.11 17.63
CA SER A 227 30.62 10.78 19.02
C SER A 227 29.65 9.85 19.75
N ASP A 228 28.48 9.57 19.17
CA ASP A 228 27.50 8.72 19.88
C ASP A 228 26.64 7.93 18.91
N VAL A 229 27.25 6.87 18.38
CA VAL A 229 26.58 5.99 17.43
C VAL A 229 26.40 4.61 18.04
N THR A 230 25.19 4.10 17.97
CA THR A 230 24.88 2.73 18.35
C THR A 230 24.42 1.99 17.12
N VAL A 231 25.02 0.84 16.89
CA VAL A 231 24.66 0.00 15.78
C VAL A 231 24.10 -1.31 16.29
N LEU A 232 22.85 -1.58 15.94
CA LEU A 232 22.18 -2.84 16.27
C LEU A 232 22.14 -3.70 15.04
N ILE A 233 22.66 -4.92 15.17
CA ILE A 233 22.83 -5.83 14.05
C ILE A 233 22.27 -7.19 14.42
N ASP A 234 21.34 -7.72 13.65
CA ASP A 234 20.83 -9.09 13.95
C ASP A 234 21.79 -10.17 13.45
N ARG A 235 21.59 -11.40 13.89
CA ARG A 235 22.50 -12.49 13.54
C ARG A 235 22.79 -12.64 12.02
N GLU A 236 21.75 -12.56 11.19
CA GLU A 236 21.93 -12.72 9.74
C GLU A 236 22.82 -11.62 9.14
N ALA A 237 22.66 -10.41 9.62
CA ALA A 237 23.44 -9.31 9.09
C ALA A 237 24.86 -9.35 9.59
N ALA A 238 25.10 -10.07 10.68
CA ALA A 238 26.41 -10.15 11.28
C ALA A 238 27.20 -11.36 10.74
N SER A 239 26.65 -12.07 9.73
CA SER A 239 27.17 -13.39 9.31
C SER A 239 28.43 -13.37 8.44
N LEU A 240 28.82 -12.21 7.94
CA LEU A 240 30.02 -12.13 7.14
C LEU A 240 31.01 -11.18 7.79
N ARG A 241 30.90 -10.98 9.10
CA ARG A 241 31.65 -9.91 9.75
C ARG A 241 33.13 -10.28 9.88
N MET B 1 -18.10 8.19 -19.31
CA MET B 1 -18.75 6.85 -19.10
C MET B 1 -20.04 6.73 -19.90
N LYS B 2 -20.32 5.50 -20.34
CA LYS B 2 -21.53 5.14 -21.09
C LYS B 2 -22.51 4.55 -20.10
N VAL B 3 -23.67 5.14 -19.98
CA VAL B 3 -24.64 4.62 -19.05
C VAL B 3 -25.77 3.97 -19.82
N MET B 4 -26.11 2.75 -19.47
CA MET B 4 -27.21 2.04 -20.11
C MET B 4 -28.24 1.59 -19.07
N GLU B 5 -29.45 2.07 -19.19
CA GLU B 5 -30.50 1.66 -18.32
C GLU B 5 -31.10 0.39 -18.88
N CYS B 6 -31.26 -0.58 -18.00
CA CYS B 6 -31.75 -1.92 -18.32
C CYS B 6 -33.13 -2.06 -17.73
N GLN B 7 -34.04 -2.75 -18.41
CA GLN B 7 -35.40 -2.83 -17.90
C GLN B 7 -35.55 -3.69 -16.65
N THR B 8 -34.67 -4.68 -16.48
CA THR B 8 -34.73 -5.63 -15.41
C THR B 8 -33.31 -6.11 -15.07
N TYR B 9 -33.18 -6.75 -13.92
CA TYR B 9 -31.95 -7.45 -13.57
C TYR B 9 -31.55 -8.51 -14.59
N GLU B 10 -32.53 -9.23 -15.10
CA GLU B 10 -32.30 -10.26 -16.10
C GLU B 10 -31.66 -9.68 -17.34
N GLU B 11 -32.16 -8.54 -17.79
CA GLU B 11 -31.60 -7.88 -18.95
C GLU B 11 -30.16 -7.42 -18.65
N LEU B 12 -29.95 -6.76 -17.50
CA LEU B 12 -28.60 -6.32 -17.11
C LEU B 12 -27.65 -7.51 -17.18
N SER B 13 -28.08 -8.65 -16.64
CA SER B 13 -27.24 -9.82 -16.59
C SER B 13 -26.95 -10.39 -17.97
N GLN B 14 -27.94 -10.39 -18.86
CA GLN B 14 -27.76 -10.85 -20.22
C GLN B 14 -26.72 -9.96 -20.91
N ILE B 15 -26.87 -8.67 -20.78
CA ILE B 15 -25.98 -7.71 -21.43
C ILE B 15 -24.54 -7.83 -20.92
N ALA B 16 -24.41 -7.93 -19.60
CA ALA B 16 -23.11 -8.05 -18.97
C ALA B 16 -22.39 -9.31 -19.39
N ALA B 17 -23.14 -10.39 -19.44
CA ALA B 17 -22.54 -11.64 -19.88
C ALA B 17 -22.06 -11.57 -21.33
N ARG B 18 -22.83 -10.93 -22.17
CA ARG B 18 -22.46 -10.83 -23.58
C ARG B 18 -21.23 -9.94 -23.76
N ILE B 19 -21.15 -8.82 -23.03
CA ILE B 19 -19.94 -7.96 -23.10
C ILE B 19 -18.69 -8.73 -22.63
N THR B 20 -18.83 -9.48 -21.55
CA THR B 20 -17.72 -10.29 -21.02
C THR B 20 -17.35 -11.38 -22.03
N ALA B 21 -18.34 -12.07 -22.57
CA ALA B 21 -18.09 -13.10 -23.58
C ALA B 21 -17.37 -12.55 -24.80
N ASP B 22 -17.68 -11.33 -25.20
CA ASP B 22 -17.01 -10.68 -26.32
C ASP B 22 -15.53 -10.53 -26.04
N THR B 23 -15.19 -10.10 -24.84
CA THR B 23 -13.80 -9.93 -24.48
C THR B 23 -13.07 -11.29 -24.57
N ILE B 24 -13.74 -12.34 -24.09
CA ILE B 24 -13.16 -13.68 -24.00
C ILE B 24 -13.00 -14.26 -25.41
N LYS B 25 -13.95 -14.05 -26.30
CA LYS B 25 -13.84 -14.63 -27.64
C LYS B 25 -12.84 -13.88 -28.48
N GLU B 26 -12.78 -12.57 -28.34
CA GLU B 26 -11.85 -11.79 -29.14
C GLU B 26 -10.40 -12.02 -28.74
N LYS B 27 -10.20 -12.27 -27.45
CA LYS B 27 -8.85 -12.47 -26.88
C LYS B 27 -8.89 -13.67 -25.92
N PRO B 28 -8.76 -14.90 -26.44
CA PRO B 28 -8.93 -16.09 -25.61
C PRO B 28 -7.98 -16.19 -24.43
N ASP B 29 -6.86 -15.45 -24.45
CA ASP B 29 -5.93 -15.35 -23.34
C ASP B 29 -6.11 -14.08 -22.50
N ALA B 30 -7.31 -13.49 -22.57
CA ALA B 30 -7.63 -12.29 -21.77
C ALA B 30 -7.48 -12.51 -20.27
N VAL B 31 -7.23 -11.41 -19.58
CA VAL B 31 -7.22 -11.35 -18.15
C VAL B 31 -8.51 -10.64 -17.75
N LEU B 32 -9.33 -11.35 -17.00
CA LEU B 32 -10.61 -10.80 -16.53
C LEU B 32 -10.53 -10.43 -15.10
N GLY B 33 -11.01 -9.22 -14.78
CA GLY B 33 -11.16 -8.80 -13.40
C GLY B 33 -12.59 -9.08 -12.97
N LEU B 34 -12.73 -9.80 -11.85
CA LEU B 34 -14.02 -10.30 -11.43
C LEU B 34 -14.42 -9.78 -10.06
N ALA B 35 -15.68 -9.92 -9.76
CA ALA B 35 -16.28 -9.35 -8.56
C ALA B 35 -17.27 -10.34 -7.97
N THR B 36 -17.57 -10.17 -6.69
CA THR B 36 -18.53 -11.04 -6.02
C THR B 36 -19.77 -10.24 -5.57
N GLY B 37 -20.55 -10.79 -4.67
CA GLY B 37 -21.76 -10.12 -4.16
C GLY B 37 -22.99 -10.58 -4.92
N GLY B 38 -24.14 -10.03 -4.57
CA GLY B 38 -25.37 -10.39 -5.28
C GLY B 38 -25.44 -9.88 -6.70
N THR B 39 -24.89 -8.70 -6.93
CA THR B 39 -25.12 -8.08 -8.23
C THR B 39 -24.67 -8.90 -9.44
N PRO B 40 -23.44 -9.48 -9.43
CA PRO B 40 -23.02 -10.21 -10.62
C PRO B 40 -23.52 -11.66 -10.70
N GLU B 41 -24.34 -12.12 -9.77
CA GLU B 41 -24.72 -13.53 -9.78
C GLU B 41 -25.41 -13.92 -11.09
N GLY B 42 -26.34 -13.10 -11.56
CA GLY B 42 -26.99 -13.39 -12.85
C GLY B 42 -26.04 -13.43 -14.00
N THR B 43 -25.05 -12.53 -13.97
CA THR B 43 -24.04 -12.51 -15.01
C THR B 43 -23.27 -13.81 -15.06
N TYR B 44 -22.81 -14.29 -13.91
CA TYR B 44 -22.12 -15.58 -13.92
C TYR B 44 -23.02 -16.73 -14.44
N ARG B 45 -24.27 -16.74 -14.03
CA ARG B 45 -25.20 -17.74 -14.50
C ARG B 45 -25.32 -17.68 -16.03
N GLN B 46 -25.39 -16.48 -16.56
CA GLN B 46 -25.53 -16.37 -18.00
C GLN B 46 -24.24 -16.70 -18.75
N LEU B 47 -23.08 -16.37 -18.18
CA LEU B 47 -21.81 -16.78 -18.78
C LEU B 47 -21.67 -18.28 -18.82
N ILE B 48 -22.09 -18.95 -17.75
CA ILE B 48 -22.08 -20.41 -17.72
C ILE B 48 -23.03 -20.94 -18.82
N ARG B 49 -24.20 -20.31 -19.00
CA ARG B 49 -25.10 -20.72 -20.06
C ARG B 49 -24.47 -20.55 -21.44
N LEU B 50 -23.79 -19.45 -21.70
CA LEU B 50 -23.08 -19.26 -23.00
C LEU B 50 -21.99 -20.31 -23.18
N HIS B 51 -21.26 -20.64 -22.11
CA HIS B 51 -20.30 -21.74 -22.13
C HIS B 51 -20.98 -23.03 -22.59
N GLN B 52 -22.14 -23.34 -22.03
CA GLN B 52 -22.82 -24.58 -22.33
C GLN B 52 -23.44 -24.59 -23.71
N THR B 53 -24.03 -23.47 -24.15
CA THR B 53 -24.81 -23.43 -25.38
C THR B 53 -24.08 -22.94 -26.62
N GLU B 54 -23.07 -22.11 -26.44
CA GLU B 54 -22.29 -21.53 -27.54
C GLU B 54 -20.88 -22.09 -27.53
N ASN B 55 -20.56 -22.93 -26.55
CA ASN B 55 -19.19 -23.43 -26.41
C ASN B 55 -18.14 -22.33 -26.25
N LEU B 56 -18.52 -21.27 -25.56
CA LEU B 56 -17.61 -20.23 -25.21
C LEU B 56 -16.51 -20.86 -24.38
N SER B 57 -15.27 -20.79 -24.85
CA SER B 57 -14.15 -21.38 -24.11
C SER B 57 -13.37 -20.47 -23.20
N PHE B 58 -13.13 -20.95 -21.99
CA PHE B 58 -12.33 -20.26 -21.02
C PHE B 58 -10.95 -20.91 -20.87
N GLN B 59 -10.55 -21.81 -21.77
CA GLN B 59 -9.32 -22.59 -21.55
C GLN B 59 -8.08 -21.76 -21.34
N ASN B 60 -8.00 -20.59 -21.98
CA ASN B 60 -6.80 -19.81 -21.93
C ASN B 60 -6.92 -18.52 -21.13
N ILE B 61 -8.06 -18.32 -20.50
CA ILE B 61 -8.28 -17.12 -19.73
C ILE B 61 -7.53 -17.15 -18.38
N THR B 62 -7.18 -15.96 -17.90
CA THR B 62 -6.74 -15.76 -16.53
C THR B 62 -7.72 -14.84 -15.85
N THR B 63 -7.90 -15.03 -14.55
CA THR B 63 -8.78 -14.12 -13.81
C THR B 63 -8.11 -13.61 -12.55
N VAL B 64 -8.51 -12.42 -12.14
CA VAL B 64 -8.08 -11.79 -10.89
C VAL B 64 -9.33 -11.22 -10.22
N ASN B 65 -9.49 -11.48 -8.93
CA ASN B 65 -10.62 -10.93 -8.21
C ASN B 65 -10.27 -9.64 -7.50
N LEU B 66 -11.30 -8.84 -7.24
CA LEU B 66 -11.15 -7.55 -6.57
C LEU B 66 -10.68 -7.67 -5.13
N ASP B 67 -11.19 -8.66 -4.41
CA ASP B 67 -11.09 -8.62 -2.95
C ASP B 67 -11.30 -9.96 -2.26
N GLU B 68 -10.96 -10.01 -0.97
CA GLU B 68 -11.21 -11.17 -0.11
C GLU B 68 -11.26 -10.69 1.31
N TYR B 69 -12.04 -11.39 2.11
CA TYR B 69 -12.07 -11.07 3.55
C TYR B 69 -10.79 -11.51 4.25
N ALA B 70 -10.35 -10.69 5.21
CA ALA B 70 -9.19 -11.05 6.03
C ALA B 70 -9.62 -12.11 7.06
N GLY B 71 -8.81 -13.13 7.17
CA GLY B 71 -8.97 -14.13 8.19
C GLY B 71 -9.77 -15.35 7.79
N LEU B 72 -10.32 -15.37 6.58
CA LEU B 72 -11.03 -16.55 6.10
C LEU B 72 -10.17 -17.38 5.19
N SER B 73 -10.21 -18.69 5.40
CA SER B 73 -9.54 -19.65 4.54
C SER B 73 -10.38 -19.93 3.29
N SER B 74 -9.73 -20.45 2.27
CA SER B 74 -10.40 -20.66 1.00
C SER B 74 -11.58 -21.62 1.06
N ASP B 75 -11.63 -22.48 2.07
CA ASP B 75 -12.73 -23.46 2.22
C ASP B 75 -13.86 -22.93 3.12
N ASP B 76 -13.73 -21.69 3.58
CA ASP B 76 -14.75 -21.08 4.41
C ASP B 76 -15.87 -20.67 3.44
N PRO B 77 -17.11 -21.10 3.70
CA PRO B 77 -18.18 -20.80 2.72
C PRO B 77 -18.50 -19.29 2.55
N ASN B 78 -18.01 -18.43 3.41
CA ASN B 78 -18.18 -17.01 3.23
C ASN B 78 -17.00 -16.31 2.58
N SER B 79 -15.97 -17.06 2.22
CA SER B 79 -14.86 -16.47 1.53
C SER B 79 -15.21 -16.24 0.07
N TYR B 80 -14.53 -15.26 -0.50
CA TYR B 80 -14.73 -15.01 -1.91
C TYR B 80 -14.07 -16.07 -2.79
N HIS B 81 -13.03 -16.74 -2.29
CA HIS B 81 -12.51 -17.93 -2.99
C HIS B 81 -13.65 -18.93 -3.18
N PHE B 82 -14.38 -19.21 -2.11
CA PHE B 82 -15.46 -20.18 -2.19
C PHE B 82 -16.58 -19.68 -3.11
N TYR B 83 -16.97 -18.40 -3.01
CA TYR B 83 -17.97 -17.85 -3.93
C TYR B 83 -17.60 -18.09 -5.36
N MET B 84 -16.37 -17.75 -5.72
CA MET B 84 -15.99 -17.83 -7.13
C MET B 84 -15.97 -19.26 -7.63
N ASN B 85 -15.52 -20.17 -6.77
CA ASN B 85 -15.51 -21.57 -7.15
C ASN B 85 -16.94 -22.12 -7.32
N ASP B 86 -17.80 -21.80 -6.38
CA ASP B 86 -19.14 -22.34 -6.33
C ASP B 86 -20.01 -21.78 -7.44
N ARG B 87 -19.94 -20.48 -7.63
CA ARG B 87 -20.80 -19.79 -8.56
C ARG B 87 -20.31 -19.85 -9.99
N PHE B 88 -19.01 -20.06 -10.21
CA PHE B 88 -18.45 -19.87 -11.54
C PHE B 88 -17.41 -20.91 -11.96
N PHE B 89 -16.28 -20.99 -11.29
CA PHE B 89 -15.16 -21.80 -11.82
C PHE B 89 -15.55 -23.26 -11.95
N GLN B 90 -16.34 -23.81 -11.02
CA GLN B 90 -16.73 -25.25 -11.11
C GLN B 90 -17.52 -25.61 -12.36
N HIS B 91 -18.05 -24.60 -13.03
CA HIS B 91 -19.01 -24.82 -14.12
C HIS B 91 -18.45 -24.47 -15.49
N ILE B 92 -17.17 -24.09 -15.55
CA ILE B 92 -16.53 -23.70 -16.80
C ILE B 92 -15.22 -24.50 -17.08
N ASP B 93 -14.76 -24.49 -18.34
CA ASP B 93 -13.53 -25.19 -18.82
C ASP B 93 -12.25 -24.36 -18.73
N SER B 94 -12.07 -23.67 -17.63
CA SER B 94 -10.87 -22.89 -17.43
C SER B 94 -9.74 -23.77 -16.96
N LYS B 95 -8.57 -23.15 -16.85
CA LYS B 95 -7.40 -23.72 -16.14
C LYS B 95 -7.45 -23.18 -14.72
N PRO B 96 -7.85 -24.01 -13.76
CA PRO B 96 -8.06 -23.51 -12.43
C PRO B 96 -6.88 -22.79 -11.79
N SER B 97 -5.67 -23.15 -12.19
CA SER B 97 -4.49 -22.53 -11.58
C SER B 97 -4.25 -21.13 -12.10
N ARG B 98 -5.05 -20.67 -13.05
CA ARG B 98 -4.99 -19.29 -13.54
C ARG B 98 -6.11 -18.39 -13.00
N HIS B 99 -6.78 -18.82 -11.94
CA HIS B 99 -7.74 -17.97 -11.23
C HIS B 99 -7.07 -17.51 -9.93
N PHE B 100 -6.89 -16.20 -9.80
CA PHE B 100 -6.18 -15.60 -8.67
C PHE B 100 -7.10 -14.73 -7.82
N ILE B 101 -6.93 -14.82 -6.51
CA ILE B 101 -7.71 -14.06 -5.54
C ILE B 101 -6.78 -13.74 -4.39
N PRO B 102 -6.97 -12.59 -3.71
CA PRO B 102 -6.02 -12.35 -2.62
C PRO B 102 -6.16 -13.38 -1.50
N ASN B 103 -5.04 -13.71 -0.87
CA ASN B 103 -5.05 -14.72 0.18
C ASN B 103 -5.36 -14.06 1.54
N GLY B 104 -6.61 -14.11 1.93
CA GLY B 104 -7.06 -13.49 3.18
C GLY B 104 -6.52 -14.18 4.42
N ASN B 105 -5.99 -15.38 4.24
CA ASN B 105 -5.48 -16.18 5.35
C ASN B 105 -3.96 -16.14 5.43
N ALA B 106 -3.33 -15.27 4.63
CA ALA B 106 -1.87 -15.18 4.61
C ALA B 106 -1.39 -14.72 5.98
N ASP B 107 -0.23 -15.22 6.36
CA ASP B 107 0.37 -14.87 7.64
C ASP B 107 0.76 -13.40 7.75
N ASP B 108 1.16 -12.81 6.62
CA ASP B 108 1.51 -11.40 6.53
C ASP B 108 0.65 -10.72 5.45
N LEU B 109 -0.41 -10.02 5.89
CA LEU B 109 -1.40 -9.49 4.95
C LEU B 109 -0.87 -8.32 4.13
N GLU B 110 -0.05 -7.45 4.73
CA GLU B 110 0.56 -6.40 3.93
C GLU B 110 1.45 -6.93 2.81
N ALA B 111 2.26 -7.95 3.09
CA ALA B 111 3.13 -8.54 2.10
C ALA B 111 2.30 -9.21 0.99
N GLU B 112 1.20 -9.82 1.40
CA GLU B 112 0.27 -10.43 0.44
C GLU B 112 -0.31 -9.40 -0.53
N CYS B 113 -0.68 -8.25 0.01
CA CYS B 113 -1.21 -7.18 -0.83
C CYS B 113 -0.18 -6.67 -1.83
N ARG B 114 1.09 -6.54 -1.41
CA ARG B 114 2.15 -6.06 -2.33
C ARG B 114 2.34 -7.11 -3.43
N ARG B 115 2.32 -8.37 -3.07
CA ARG B 115 2.49 -9.45 -4.02
C ARG B 115 1.33 -9.45 -5.02
N TYR B 116 0.11 -9.27 -4.52
CA TYR B 116 -1.03 -9.32 -5.40
C TYR B 116 -1.00 -8.17 -6.41
N GLU B 117 -0.61 -6.99 -5.95
CA GLU B 117 -0.46 -5.85 -6.83
C GLU B 117 0.57 -6.14 -7.94
N GLN B 118 1.70 -6.70 -7.55
CA GLN B 118 2.79 -7.10 -8.49
C GLN B 118 2.27 -8.11 -9.48
N LEU B 119 1.40 -9.02 -9.03
CA LEU B 119 0.85 -10.04 -9.91
C LEU B 119 -0.06 -9.43 -10.97
N VAL B 120 -0.95 -8.54 -10.57
CA VAL B 120 -1.83 -7.85 -11.51
C VAL B 120 -1.00 -7.07 -12.53
N ASP B 121 0.00 -6.35 -12.06
CA ASP B 121 0.86 -5.64 -12.99
C ASP B 121 1.57 -6.57 -13.97
N SER B 122 2.09 -7.68 -13.45
CA SER B 122 2.82 -8.63 -14.27
C SER B 122 1.98 -9.24 -15.37
N LEU B 123 0.70 -9.45 -15.06
CA LEU B 123 -0.25 -10.00 -16.01
C LEU B 123 -0.57 -9.03 -17.14
N GLY B 124 -0.26 -7.76 -16.98
CA GLY B 124 -0.50 -6.75 -18.01
C GLY B 124 -1.81 -6.04 -17.80
N ASP B 125 -2.30 -6.09 -16.58
CA ASP B 125 -3.56 -5.46 -16.22
C ASP B 125 -4.71 -6.24 -16.82
N THR B 126 -5.93 -5.86 -16.45
CA THR B 126 -7.10 -6.58 -16.92
C THR B 126 -7.61 -6.05 -18.26
N ASP B 127 -8.09 -6.96 -19.10
CA ASP B 127 -8.77 -6.64 -20.32
C ASP B 127 -10.21 -6.10 -20.08
N ILE B 128 -10.88 -6.60 -19.06
CA ILE B 128 -12.15 -6.04 -18.57
C ILE B 128 -12.21 -6.28 -17.08
N GLN B 129 -12.77 -5.34 -16.34
CA GLN B 129 -12.93 -5.44 -14.91
C GLN B 129 -14.40 -5.24 -14.58
N LEU B 130 -15.02 -6.25 -13.98
CA LEU B 130 -16.36 -6.16 -13.46
C LEU B 130 -16.33 -5.51 -12.10
N LEU B 131 -17.28 -4.63 -11.87
CA LEU B 131 -17.40 -3.95 -10.59
C LEU B 131 -18.84 -3.92 -10.18
N GLY B 132 -19.02 -3.82 -8.87
CA GLY B 132 -20.27 -3.35 -8.28
C GLY B 132 -20.06 -2.05 -7.56
N ILE B 133 -21.11 -1.54 -6.94
CA ILE B 133 -20.98 -0.31 -6.18
C ILE B 133 -21.66 -0.51 -4.82
N GLY B 134 -21.02 -0.02 -3.78
CA GLY B 134 -21.61 -0.04 -2.44
C GLY B 134 -22.68 1.02 -2.31
N ARG B 135 -23.55 0.84 -1.31
CA ARG B 135 -24.52 1.84 -1.02
C ARG B 135 -23.90 3.20 -0.75
N ASN B 136 -22.67 3.24 -0.20
CA ASN B 136 -21.89 4.44 0.02
C ASN B 136 -20.89 4.81 -1.09
N GLY B 137 -21.02 4.18 -2.25
CA GLY B 137 -20.11 4.47 -3.35
C GLY B 137 -18.84 3.67 -3.39
N HIS B 138 -18.62 2.74 -2.46
CA HIS B 138 -17.38 1.98 -2.51
C HIS B 138 -17.28 1.14 -3.77
N ILE B 139 -16.04 0.93 -4.20
CA ILE B 139 -15.70 0.04 -5.29
C ILE B 139 -14.60 -0.88 -4.76
N GLY B 140 -14.70 -2.18 -5.00
CA GLY B 140 -13.98 -3.17 -4.17
C GLY B 140 -14.38 -2.94 -2.73
N PHE B 141 -13.43 -2.91 -1.80
CA PHE B 141 -13.69 -2.43 -0.45
C PHE B 141 -12.92 -1.14 -0.21
N ASN B 142 -12.77 -0.32 -1.26
CA ASN B 142 -12.28 1.03 -1.14
C ASN B 142 -13.39 1.93 -0.62
N GLU B 143 -13.35 2.24 0.66
CA GLU B 143 -14.41 2.98 1.32
C GLU B 143 -14.20 4.47 1.17
N PRO B 144 -15.25 5.26 1.42
CA PRO B 144 -15.09 6.70 1.41
C PRO B 144 -13.83 7.20 2.13
N GLY B 145 -13.14 8.13 1.50
CA GLY B 145 -11.85 8.59 2.01
C GLY B 145 -10.58 7.97 1.41
N THR B 146 -10.75 6.90 0.65
CA THR B 146 -9.64 6.21 0.04
C THR B 146 -9.04 7.06 -1.08
N SER B 147 -7.72 7.21 -1.05
CA SER B 147 -7.03 7.90 -2.12
C SER B 147 -7.27 7.28 -3.48
N PHE B 148 -7.42 8.10 -4.52
CA PHE B 148 -7.51 7.54 -5.88
C PHE B 148 -6.18 6.96 -6.34
N LYS B 149 -5.11 7.22 -5.61
CA LYS B 149 -3.82 6.58 -5.91
C LYS B 149 -3.61 5.24 -5.21
N SER B 150 -4.61 4.78 -4.46
CA SER B 150 -4.49 3.59 -3.68
C SER B 150 -4.20 2.36 -4.55
N ARG B 151 -3.43 1.44 -3.99
CA ARG B 151 -3.11 0.16 -4.59
C ARG B 151 -3.66 -0.93 -3.65
N THR B 152 -3.41 -2.17 -3.98
CA THR B 152 -3.98 -3.26 -3.20
C THR B 152 -3.56 -3.10 -1.74
N HIS B 153 -4.52 -3.21 -0.83
CA HIS B 153 -4.28 -2.92 0.59
C HIS B 153 -5.31 -3.58 1.52
N VAL B 154 -4.94 -3.61 2.80
CA VAL B 154 -5.77 -4.07 3.86
C VAL B 154 -6.63 -2.91 4.36
N VAL B 155 -7.91 -3.16 4.43
CA VAL B 155 -8.85 -2.14 4.84
C VAL B 155 -9.69 -2.63 6.00
N THR B 156 -10.13 -1.67 6.80
CA THR B 156 -11.14 -1.91 7.80
C THR B 156 -12.48 -1.56 7.19
N LEU B 157 -13.38 -2.53 7.17
CA LEU B 157 -14.68 -2.31 6.59
C LEU B 157 -15.54 -1.32 7.35
N ASN B 158 -16.23 -0.46 6.59
CA ASN B 158 -17.19 0.49 7.19
C ASN B 158 -18.37 -0.29 7.77
N GLU B 159 -18.99 0.27 8.79
CA GLU B 159 -20.10 -0.44 9.40
C GLU B 159 -21.26 -0.68 8.42
N GLN B 160 -21.48 0.24 7.48
CA GLN B 160 -22.55 0.06 6.53
C GLN B 160 -22.29 -1.13 5.58
N THR B 161 -21.01 -1.43 5.33
CA THR B 161 -20.62 -2.57 4.53
C THR B 161 -20.84 -3.87 5.29
N ARG B 162 -20.52 -3.87 6.58
CA ARG B 162 -20.80 -5.03 7.41
C ARG B 162 -22.30 -5.28 7.53
N GLN B 163 -23.06 -4.21 7.70
CA GLN B 163 -24.51 -4.25 7.75
C GLN B 163 -25.09 -4.85 6.47
N ALA B 164 -24.61 -4.40 5.33
CA ALA B 164 -25.12 -4.88 4.05
C ALA B 164 -24.81 -6.34 3.78
N ASN B 165 -23.66 -6.83 4.25
CA ASN B 165 -23.24 -8.17 3.95
C ASN B 165 -23.65 -9.19 5.03
N ALA B 166 -24.22 -8.71 6.15
CA ALA B 166 -24.67 -9.59 7.24
C ALA B 166 -25.60 -10.70 6.76
N ARG B 167 -26.42 -10.41 5.75
CA ARG B 167 -27.36 -11.37 5.18
C ARG B 167 -26.71 -12.70 4.76
N TYR B 168 -25.40 -12.69 4.49
CA TYR B 168 -24.74 -13.88 4.00
C TYR B 168 -24.13 -14.73 5.11
N PHE B 169 -24.10 -14.21 6.34
CA PHE B 169 -23.42 -14.84 7.47
C PHE B 169 -24.40 -15.43 8.48
N PRO B 170 -23.94 -16.37 9.31
CA PRO B 170 -24.83 -16.88 10.37
C PRO B 170 -25.30 -15.83 11.39
N SER B 171 -24.46 -14.83 11.64
CA SER B 171 -24.73 -13.84 12.66
C SER B 171 -23.92 -12.60 12.31
N ILE B 172 -24.31 -11.47 12.90
CA ILE B 172 -23.57 -10.22 12.74
C ILE B 172 -22.13 -10.36 13.25
N ASP B 173 -21.93 -11.16 14.31
CA ASP B 173 -20.60 -11.33 14.92
C ASP B 173 -19.57 -12.04 14.02
N SER B 174 -20.10 -12.80 13.06
CA SER B 174 -19.28 -13.56 12.12
C SER B 174 -18.79 -12.75 10.93
N VAL B 175 -19.34 -11.56 10.72
CA VAL B 175 -18.96 -10.74 9.58
C VAL B 175 -17.56 -10.17 9.84
N PRO B 176 -16.59 -10.42 8.94
CA PRO B 176 -15.27 -9.91 9.17
C PRO B 176 -15.19 -8.41 9.35
N LYS B 177 -14.13 -7.97 10.00
CA LYS B 177 -13.92 -6.58 10.20
C LYS B 177 -12.97 -5.95 9.18
N LYS B 178 -12.18 -6.80 8.53
CA LYS B 178 -11.15 -6.37 7.61
C LYS B 178 -11.18 -7.18 6.32
N ALA B 179 -10.62 -6.59 5.26
CA ALA B 179 -10.50 -7.23 3.96
C ALA B 179 -9.26 -6.77 3.25
N LEU B 180 -8.94 -7.49 2.17
CA LEU B 180 -7.87 -7.15 1.22
C LEU B 180 -8.57 -6.75 -0.07
N THR B 181 -8.22 -5.60 -0.61
CA THR B 181 -8.88 -5.15 -1.85
C THR B 181 -7.86 -4.57 -2.81
N MET B 182 -8.09 -4.79 -4.09
CA MET B 182 -7.45 -3.98 -5.11
C MET B 182 -7.73 -2.54 -4.83
N GLY B 183 -6.76 -1.67 -5.07
CA GLY B 183 -7.01 -0.26 -4.80
C GLY B 183 -7.63 0.44 -6.00
N ILE B 184 -7.90 1.74 -5.83
CA ILE B 184 -8.56 2.50 -6.88
C ILE B 184 -7.64 2.58 -8.10
N GLN B 185 -6.35 2.82 -7.90
CA GLN B 185 -5.44 2.88 -9.05
C GLN B 185 -5.36 1.55 -9.76
N THR B 186 -5.38 0.47 -8.97
CA THR B 186 -5.36 -0.85 -9.51
C THR B 186 -6.55 -1.04 -10.46
N ILE B 187 -7.71 -0.62 -10.02
CA ILE B 187 -8.95 -0.76 -10.82
C ILE B 187 -8.89 0.10 -12.08
N LEU B 188 -8.46 1.35 -11.90
CA LEU B 188 -8.31 2.27 -13.01
C LEU B 188 -7.37 1.85 -14.11
N SER B 189 -6.49 0.92 -13.78
CA SER B 189 -5.51 0.39 -14.72
C SER B 189 -6.14 -0.56 -15.74
N SER B 190 -7.35 -1.00 -15.49
CA SER B 190 -8.03 -1.89 -16.42
C SER B 190 -8.21 -1.24 -17.80
N LYS B 191 -8.20 -2.04 -18.84
CA LYS B 191 -8.49 -1.54 -20.17
C LYS B 191 -9.95 -1.14 -20.35
N ARG B 192 -10.86 -1.80 -19.66
CA ARG B 192 -12.29 -1.56 -19.81
C ARG B 192 -12.97 -1.87 -18.48
N ILE B 193 -13.90 -1.06 -18.06
CA ILE B 193 -14.60 -1.32 -16.81
C ILE B 193 -16.09 -1.51 -17.13
N LEU B 194 -16.69 -2.51 -16.49
CA LEU B 194 -18.12 -2.77 -16.55
C LEU B 194 -18.68 -2.72 -15.13
N LEU B 195 -19.43 -1.67 -14.82
CA LEU B 195 -19.99 -1.45 -13.51
C LEU B 195 -21.46 -1.84 -13.54
N LEU B 196 -21.84 -2.78 -12.70
CA LEU B 196 -23.17 -3.33 -12.65
C LEU B 196 -23.90 -2.80 -11.40
N ILE B 197 -25.11 -2.27 -11.57
CA ILE B 197 -25.84 -1.68 -10.46
C ILE B 197 -27.30 -2.12 -10.53
N SER B 198 -27.78 -2.75 -9.45
CA SER B 198 -29.15 -3.26 -9.41
C SER B 198 -29.82 -3.02 -8.06
N GLY B 199 -31.08 -2.65 -8.11
CA GLY B 199 -31.91 -2.58 -6.96
C GLY B 199 -32.06 -1.25 -6.30
N LYS B 200 -33.16 -1.12 -5.59
CA LYS B 200 -33.51 0.13 -4.94
C LYS B 200 -32.47 0.61 -3.93
N SER B 201 -31.75 -0.32 -3.30
CA SER B 201 -30.74 0.03 -2.31
C SER B 201 -29.58 0.84 -2.87
N LYS B 202 -29.41 0.78 -4.20
CA LYS B 202 -28.34 1.52 -4.89
C LYS B 202 -28.79 2.82 -5.53
N ALA B 203 -30.06 3.21 -5.38
CA ALA B 203 -30.57 4.35 -6.14
C ALA B 203 -29.89 5.65 -5.72
N GLU B 204 -29.60 5.81 -4.44
CA GLU B 204 -28.88 7.02 -4.00
C GLU B 204 -27.44 7.09 -4.54
N ALA B 205 -26.74 5.96 -4.53
CA ALA B 205 -25.38 5.86 -5.08
C ALA B 205 -25.41 6.19 -6.57
N VAL B 206 -26.42 5.69 -7.29
CA VAL B 206 -26.57 6.05 -8.71
C VAL B 206 -26.71 7.54 -8.90
N ARG B 207 -27.54 8.18 -8.09
CA ARG B 207 -27.71 9.60 -8.25
C ARG B 207 -26.39 10.32 -8.08
N LYS B 208 -25.65 9.96 -7.05
CA LYS B 208 -24.38 10.61 -6.79
C LYS B 208 -23.35 10.35 -7.88
N LEU B 209 -23.29 9.13 -8.38
CA LEU B 209 -22.39 8.84 -9.50
C LEU B 209 -22.71 9.72 -10.71
N LEU B 210 -23.98 9.82 -11.04
CA LEU B 210 -24.38 10.50 -12.26
C LEU B 210 -24.31 12.02 -12.13
N GLU B 211 -24.37 12.53 -10.92
CA GLU B 211 -24.18 13.97 -10.70
C GLU B 211 -22.79 14.48 -11.06
N GLY B 212 -21.82 13.60 -11.00
CA GLY B 212 -20.53 13.90 -11.56
C GLY B 212 -19.57 14.64 -10.66
N ASN B 213 -19.82 14.71 -9.35
CA ASN B 213 -18.81 15.27 -8.44
C ASN B 213 -17.69 14.30 -8.21
N ILE B 214 -16.47 14.75 -8.41
CA ILE B 214 -15.34 13.82 -8.36
C ILE B 214 -14.56 14.03 -7.07
N SER B 215 -14.63 13.05 -6.16
CA SER B 215 -13.86 13.17 -4.93
C SER B 215 -13.83 11.89 -4.13
N GLU B 216 -12.90 11.84 -3.19
CA GLU B 216 -12.66 10.65 -2.41
C GLU B 216 -13.75 10.27 -1.48
N ASP B 217 -14.65 11.19 -1.18
CA ASP B 217 -15.76 10.86 -0.31
C ASP B 217 -16.74 9.85 -0.96
N PHE B 218 -16.69 9.71 -2.29
CA PHE B 218 -17.52 8.80 -3.08
C PHE B 218 -16.61 8.02 -4.08
N PRO B 219 -16.07 6.89 -3.63
CA PRO B 219 -15.02 6.24 -4.37
C PRO B 219 -15.32 5.95 -5.85
N ALA B 220 -16.55 5.58 -6.16
CA ALA B 220 -16.94 5.29 -7.53
C ALA B 220 -16.80 6.48 -8.46
N SER B 221 -16.74 7.68 -7.90
CA SER B 221 -16.55 8.87 -8.75
C SER B 221 -15.18 8.86 -9.47
N ALA B 222 -14.24 8.07 -8.99
CA ALA B 222 -12.95 7.92 -9.70
C ALA B 222 -13.18 7.43 -11.11
N LEU B 223 -14.29 6.74 -11.35
CA LEU B 223 -14.55 6.21 -12.68
C LEU B 223 -14.79 7.25 -13.74
N HIS B 224 -15.09 8.48 -13.33
CA HIS B 224 -15.17 9.54 -14.29
C HIS B 224 -13.82 9.86 -14.92
N LEU B 225 -12.73 9.34 -14.36
CA LEU B 225 -11.40 9.61 -14.87
C LEU B 225 -10.92 8.55 -15.85
N HIS B 226 -11.75 7.54 -16.12
CA HIS B 226 -11.38 6.42 -16.98
C HIS B 226 -11.97 6.59 -18.36
N SER B 227 -11.27 6.09 -19.37
CA SER B 227 -11.66 6.26 -20.78
C SER B 227 -12.62 5.22 -21.38
N ASP B 228 -12.91 4.15 -20.65
CA ASP B 228 -13.78 3.11 -21.18
C ASP B 228 -14.54 2.42 -20.05
N VAL B 229 -15.57 3.09 -19.58
CA VAL B 229 -16.45 2.60 -18.53
C VAL B 229 -17.88 2.53 -19.04
N THR B 230 -18.47 1.36 -18.85
CA THR B 230 -19.86 1.09 -19.18
C THR B 230 -20.58 0.77 -17.87
N VAL B 231 -21.67 1.47 -17.62
CA VAL B 231 -22.41 1.31 -16.40
C VAL B 231 -23.79 0.79 -16.78
N LEU B 232 -24.15 -0.40 -16.28
CA LEU B 232 -25.47 -0.99 -16.52
C LEU B 232 -26.28 -0.79 -15.24
N ILE B 233 -27.46 -0.19 -15.35
CA ILE B 233 -28.27 0.21 -14.19
C ILE B 233 -29.69 -0.31 -14.43
N ASP B 234 -30.22 -1.15 -13.55
CA ASP B 234 -31.61 -1.55 -13.73
C ASP B 234 -32.59 -0.49 -13.30
N ARG B 235 -33.85 -0.65 -13.68
CA ARG B 235 -34.84 0.36 -13.42
C ARG B 235 -34.92 0.76 -11.95
N GLU B 236 -34.91 -0.20 -11.04
CA GLU B 236 -34.99 0.07 -9.60
C GLU B 236 -33.84 1.01 -9.18
N ALA B 237 -32.64 0.73 -9.67
CA ALA B 237 -31.48 1.49 -9.22
C ALA B 237 -31.44 2.86 -9.90
N ALA B 238 -32.21 3.04 -10.97
CA ALA B 238 -32.20 4.32 -11.71
C ALA B 238 -33.26 5.33 -11.25
N SER B 239 -33.98 4.98 -10.19
CA SER B 239 -35.20 5.69 -9.80
C SER B 239 -34.96 7.09 -9.20
N LEU B 240 -33.73 7.40 -8.80
CA LEU B 240 -33.42 8.73 -8.22
C LEU B 240 -32.47 9.53 -9.09
N ARG B 241 -32.37 9.17 -10.36
CA ARG B 241 -31.39 9.82 -11.22
C ARG B 241 -31.57 11.35 -11.23
N PRO B 242 -30.46 12.12 -11.36
CA PRO B 242 -30.62 13.58 -11.46
C PRO B 242 -30.84 14.08 -12.89
P PGA C . 15.48 -1.17 4.18
O1P PGA C . 16.12 0.18 3.54
O2P PGA C . 14.18 -1.33 3.33
O3P PGA C . 16.50 -2.26 3.89
O4P PGA C . 15.30 -0.84 5.66
C2 PGA C . 17.44 0.54 3.90
C1 PGA C . 17.75 1.91 3.36
O1 PGA C . 17.55 1.92 1.96
P PGA D . -23.66 -6.37 -3.85
O1P PGA D . -22.22 -5.78 -3.35
O2P PGA D . -23.84 -7.59 -2.93
O3P PGA D . -24.67 -5.26 -3.62
O4P PGA D . -23.46 -6.81 -5.28
C2 PGA D . -21.74 -4.51 -3.82
C1 PGA D . -20.22 -4.44 -3.58
O1 PGA D . -20.28 -4.23 -2.15
O1 PGA D . -19.86 -4.84 -4.93
#